data_7C2P
#
_entry.id   7C2P
#
_cell.length_a   24.84
_cell.length_b   37.92
_cell.length_c   54.77
_cell.angle_alpha   83.76
_cell.angle_beta   78.35
_cell.angle_gamma   70.22
#
_symmetry.space_group_name_H-M   'P 1'
#
loop_
_entity.id
_entity.type
_entity.pdbx_description
1 polymer 'Plant defensing Egk'
2 water water
#
_entity_poly.entity_id   1
_entity_poly.type   'polypeptide(L)'
_entity_poly.pdbx_seq_one_letter_code
;RTCESQSHKFKGPCLRASNCANVCKTEGFHGGKCRGFRRRCFCTKHC
;
_entity_poly.pdbx_strand_id   A,B,C,D
#
# COMPACT_ATOMS: atom_id res chain seq x y z
N ARG A 1 2.39 15.71 -18.31
CA ARG A 1 2.45 14.50 -17.51
C ARG A 1 3.43 14.69 -16.35
N THR A 2 3.07 14.22 -15.14
CA THR A 2 3.90 14.35 -13.94
C THR A 2 4.61 13.06 -13.59
N CYS A 3 5.92 13.11 -13.40
CA CYS A 3 6.76 12.00 -13.01
C CYS A 3 7.14 12.11 -11.52
N GLU A 4 7.29 10.97 -10.86
CA GLU A 4 7.61 10.91 -9.44
C GLU A 4 8.85 10.09 -9.18
N SER A 5 9.56 10.43 -8.12
CA SER A 5 10.73 9.67 -7.70
C SER A 5 10.81 9.80 -6.21
N GLN A 6 10.98 8.67 -5.50
CA GLN A 6 11.09 8.72 -4.03
C GLN A 6 12.27 9.60 -3.61
N SER A 7 12.00 10.54 -2.70
CA SER A 7 12.98 11.49 -2.17
C SER A 7 14.16 10.77 -1.57
N HIS A 8 15.37 11.24 -1.89
CA HIS A 8 16.58 10.68 -1.32
C HIS A 8 16.91 11.33 0.03
N LYS A 9 16.37 12.54 0.31
CA LYS A 9 16.66 13.29 1.52
C LYS A 9 15.65 13.20 2.63
N PHE A 10 14.35 13.05 2.29
CA PHE A 10 13.31 13.05 3.32
C PHE A 10 13.39 11.86 4.26
N LYS A 11 13.42 12.13 5.57
CA LYS A 11 13.50 11.08 6.57
C LYS A 11 12.18 10.94 7.33
N GLY A 12 11.86 9.73 7.77
CA GLY A 12 10.65 9.45 8.53
C GLY A 12 9.38 9.50 7.70
N PRO A 13 8.22 9.40 8.37
CA PRO A 13 6.96 9.43 7.62
C PRO A 13 6.57 10.81 7.12
N CYS A 14 5.90 10.82 5.98
CA CYS A 14 5.44 12.03 5.34
C CYS A 14 4.01 12.28 5.80
N LEU A 15 3.82 13.32 6.62
CA LEU A 15 2.49 13.66 7.09
C LEU A 15 1.96 14.94 6.43
N ARG A 16 2.87 15.89 6.13
CA ARG A 16 2.48 17.14 5.50
C ARG A 16 3.12 17.17 4.11
N ALA A 17 2.29 17.35 3.07
CA ALA A 17 2.74 17.34 1.69
C ALA A 17 3.72 18.48 1.31
N SER A 18 3.49 19.71 1.82
CA SER A 18 4.36 20.83 1.50
C SER A 18 5.77 20.67 2.06
N ASN A 19 5.93 19.90 3.17
CA ASN A 19 7.25 19.61 3.72
C ASN A 19 8.02 18.76 2.75
N CYS A 20 7.36 17.69 2.21
CA CYS A 20 7.91 16.78 1.21
C CYS A 20 8.33 17.60 -0.02
N ALA A 21 7.45 18.49 -0.50
CA ALA A 21 7.69 19.37 -1.65
C ALA A 21 8.86 20.37 -1.42
N ASN A 22 9.02 20.88 -0.19
CA ASN A 22 10.12 21.80 0.10
C ASN A 22 11.45 21.06 0.19
N VAL A 23 11.43 19.82 0.75
CA VAL A 23 12.64 18.99 0.79
C VAL A 23 13.02 18.58 -0.67
N CYS A 24 12.00 18.33 -1.52
CA CYS A 24 12.16 17.95 -2.93
C CYS A 24 12.77 19.05 -3.79
N LYS A 25 12.55 20.32 -3.43
CA LYS A 25 13.11 21.44 -4.15
C LYS A 25 14.64 21.43 -4.01
N THR A 26 15.16 21.04 -2.83
CA THR A 26 16.59 20.94 -2.57
C THR A 26 17.24 19.80 -3.39
N GLU A 27 16.44 18.86 -3.91
CA GLU A 27 16.88 17.78 -4.80
C GLU A 27 16.72 18.12 -6.29
N GLY A 28 16.32 19.35 -6.60
CA GLY A 28 16.11 19.79 -7.97
C GLY A 28 14.75 19.49 -8.55
N PHE A 29 13.77 19.10 -7.72
CA PHE A 29 12.43 18.80 -8.20
C PHE A 29 11.47 20.00 -8.04
N HIS A 30 10.34 20.02 -8.79
CA HIS A 30 9.33 21.10 -8.78
C HIS A 30 8.52 21.07 -7.46
N GLY A 31 7.89 19.93 -7.16
CA GLY A 31 7.06 19.71 -5.98
C GLY A 31 7.23 18.33 -5.34
N GLY A 32 6.24 17.89 -4.57
CA GLY A 32 6.31 16.62 -3.87
C GLY A 32 5.01 16.26 -3.17
N LYS A 33 4.72 14.94 -3.05
CA LYS A 33 3.49 14.43 -2.45
C LYS A 33 3.76 13.24 -1.52
N CYS A 34 2.99 13.09 -0.44
CA CYS A 34 3.09 11.93 0.42
C CYS A 34 2.33 10.79 -0.30
N ARG A 35 2.87 9.55 -0.25
CA ARG A 35 2.22 8.43 -0.94
C ARG A 35 2.31 7.06 -0.24
N GLY A 36 1.24 6.27 -0.36
CA GLY A 36 1.20 4.90 0.13
C GLY A 36 1.02 4.71 1.62
N PHE A 37 0.86 3.44 2.03
CA PHE A 37 0.69 3.07 3.43
C PHE A 37 1.97 3.35 4.25
N ARG A 38 3.14 3.23 3.61
CA ARG A 38 4.41 3.54 4.27
C ARG A 38 4.66 5.06 4.43
N ARG A 39 3.80 5.91 3.85
CA ARG A 39 3.87 7.37 3.93
C ARG A 39 5.21 7.88 3.44
N ARG A 40 5.60 7.53 2.21
N ARG A 40 5.61 7.52 2.20
CA ARG A 40 6.89 7.95 1.67
CA ARG A 40 6.90 7.96 1.67
C ARG A 40 6.74 9.25 0.87
C ARG A 40 6.74 9.25 0.88
N CYS A 41 7.75 10.11 0.94
CA CYS A 41 7.76 11.38 0.24
C CYS A 41 8.21 11.14 -1.20
N PHE A 42 7.38 11.55 -2.17
CA PHE A 42 7.74 11.43 -3.58
C PHE A 42 7.92 12.79 -4.20
N CYS A 43 9.07 13.03 -4.85
CA CYS A 43 9.39 14.26 -5.56
C CYS A 43 8.77 14.23 -6.92
N THR A 44 8.14 15.33 -7.30
CA THR A 44 7.48 15.43 -8.58
C THR A 44 8.09 16.44 -9.50
N LYS A 45 7.97 16.18 -10.80
CA LYS A 45 8.38 17.08 -11.86
C LYS A 45 7.83 16.64 -13.21
N HIS A 46 7.85 17.52 -14.21
CA HIS A 46 7.36 17.19 -15.55
C HIS A 46 8.20 16.09 -16.18
N CYS A 47 7.54 15.22 -16.96
CA CYS A 47 8.23 14.12 -17.65
C CYS A 47 8.86 14.67 -18.92
N ARG B 1 18.96 8.49 -11.74
CA ARG B 1 17.69 8.50 -11.00
C ARG B 1 16.51 8.13 -11.91
N THR B 2 15.61 7.27 -11.42
CA THR B 2 14.46 6.81 -12.18
C THR B 2 13.16 7.50 -11.77
N CYS B 3 12.42 8.04 -12.73
CA CYS B 3 11.12 8.66 -12.51
C CYS B 3 9.98 7.73 -13.00
N GLU B 4 8.83 7.75 -12.31
CA GLU B 4 7.71 6.90 -12.60
C GLU B 4 6.44 7.68 -12.83
N SER B 5 5.54 7.10 -13.61
CA SER B 5 4.26 7.73 -13.87
C SER B 5 3.28 6.62 -14.16
N GLN B 6 2.12 6.63 -13.48
CA GLN B 6 1.10 5.61 -13.73
C GLN B 6 0.67 5.61 -15.20
N SER B 7 0.69 4.40 -15.82
CA SER B 7 0.35 4.18 -17.20
C SER B 7 -1.03 4.69 -17.52
N HIS B 8 -1.16 5.40 -18.64
CA HIS B 8 -2.47 5.87 -19.09
C HIS B 8 -3.17 4.81 -19.97
N LYS B 9 -2.43 3.84 -20.53
CA LYS B 9 -2.96 2.82 -21.45
C LYS B 9 -3.24 1.47 -20.83
N PHE B 10 -2.45 1.06 -19.82
CA PHE B 10 -2.62 -0.26 -19.22
C PHE B 10 -3.97 -0.44 -18.54
N LYS B 11 -4.68 -1.51 -18.88
CA LYS B 11 -5.97 -1.81 -18.29
C LYS B 11 -5.91 -3.04 -17.38
N GLY B 12 -6.71 -3.04 -16.33
CA GLY B 12 -6.74 -4.15 -15.37
C GLY B 12 -5.52 -4.23 -14.45
N PRO B 13 -5.43 -5.30 -13.65
CA PRO B 13 -4.28 -5.43 -12.73
C PRO B 13 -2.99 -5.82 -13.44
N CYS B 14 -1.87 -5.37 -12.89
CA CYS B 14 -0.54 -5.60 -13.40
C CYS B 14 0.04 -6.85 -12.74
N LEU B 15 -0.03 -8.02 -13.41
CA LEU B 15 0.52 -9.24 -12.81
C LEU B 15 1.92 -9.56 -13.32
N ARG B 16 2.16 -9.31 -14.64
CA ARG B 16 3.46 -9.53 -15.23
C ARG B 16 4.09 -8.20 -15.59
N ALA B 17 5.29 -7.94 -15.08
CA ALA B 17 6.05 -6.71 -15.28
C ALA B 17 6.43 -6.44 -16.74
N SER B 18 6.80 -7.47 -17.49
CA SER B 18 7.17 -7.34 -18.90
C SER B 18 6.03 -6.71 -19.72
N ASN B 19 4.79 -7.15 -19.47
CA ASN B 19 3.60 -6.60 -20.12
C ASN B 19 3.49 -5.11 -19.87
N CYS B 20 3.65 -4.69 -18.60
CA CYS B 20 3.60 -3.29 -18.18
C CYS B 20 4.73 -2.53 -18.88
N ALA B 21 5.99 -2.99 -18.79
CA ALA B 21 7.12 -2.36 -19.45
C ALA B 21 6.89 -2.13 -20.96
N ASN B 22 6.32 -3.14 -21.66
CA ASN B 22 6.07 -3.11 -23.07
C ASN B 22 4.91 -2.19 -23.43
N VAL B 23 3.85 -2.10 -22.60
CA VAL B 23 2.74 -1.14 -22.87
C VAL B 23 3.29 0.30 -22.66
N CYS B 24 4.20 0.46 -21.67
CA CYS B 24 4.86 1.72 -21.33
C CYS B 24 5.80 2.26 -22.38
N LYS B 25 6.29 1.39 -23.31
CA LYS B 25 7.14 1.81 -24.45
C LYS B 25 6.29 2.53 -25.50
N THR B 26 5.00 2.12 -25.65
CA THR B 26 4.06 2.77 -26.56
C THR B 26 3.67 4.18 -26.04
N GLU B 27 3.88 4.47 -24.76
CA GLU B 27 3.66 5.79 -24.17
C GLU B 27 4.94 6.66 -24.16
N GLY B 28 6.03 6.20 -24.77
CA GLY B 28 7.29 6.93 -24.83
C GLY B 28 8.20 6.70 -23.63
N PHE B 29 7.90 5.70 -22.79
CA PHE B 29 8.72 5.42 -21.61
C PHE B 29 9.74 4.30 -21.85
N HIS B 30 10.75 4.19 -20.98
CA HIS B 30 11.80 3.19 -21.17
C HIS B 30 11.39 1.78 -20.73
N GLY B 31 10.75 1.69 -19.56
CA GLY B 31 10.33 0.43 -18.98
C GLY B 31 9.07 0.57 -18.14
N GLY B 32 8.83 -0.40 -17.29
CA GLY B 32 7.64 -0.39 -16.45
C GLY B 32 7.62 -1.45 -15.38
N LYS B 33 6.98 -1.14 -14.26
CA LYS B 33 6.92 -2.06 -13.15
C LYS B 33 5.53 -2.11 -12.54
N CYS B 34 5.13 -3.26 -12.00
CA CYS B 34 3.86 -3.37 -11.27
C CYS B 34 4.12 -2.81 -9.86
N ARG B 35 3.16 -2.07 -9.28
CA ARG B 35 3.38 -1.47 -7.96
C ARG B 35 2.15 -1.41 -7.04
N GLY B 36 2.40 -1.69 -5.76
CA GLY B 36 1.40 -1.61 -4.71
C GLY B 36 0.40 -2.75 -4.63
N PHE B 37 -0.44 -2.69 -3.60
CA PHE B 37 -1.50 -3.65 -3.33
C PHE B 37 -2.58 -3.63 -4.41
N ARG B 38 -2.82 -2.46 -5.00
CA ARG B 38 -3.79 -2.32 -6.08
C ARG B 38 -3.26 -2.82 -7.44
N ARG B 39 -1.97 -3.23 -7.52
CA ARG B 39 -1.32 -3.78 -8.71
C ARG B 39 -1.41 -2.86 -9.91
N ARG B 40 -0.90 -1.64 -9.76
CA ARG B 40 -0.94 -0.64 -10.81
C ARG B 40 0.32 -0.67 -11.68
N CYS B 41 0.19 -0.45 -12.99
CA CYS B 41 1.33 -0.42 -13.91
C CYS B 41 1.96 0.98 -13.88
N PHE B 42 3.27 1.06 -13.58
CA PHE B 42 3.97 2.35 -13.58
C PHE B 42 5.03 2.36 -14.67
N CYS B 43 4.99 3.39 -15.51
CA CYS B 43 5.99 3.60 -16.55
C CYS B 43 7.21 4.27 -15.99
N THR B 44 8.41 3.79 -16.35
CA THR B 44 9.65 4.35 -15.82
C THR B 44 10.57 4.88 -16.89
N LYS B 45 11.31 5.94 -16.54
CA LYS B 45 12.31 6.54 -17.41
C LYS B 45 13.29 7.37 -16.60
N HIS B 46 14.49 7.53 -17.14
CA HIS B 46 15.56 8.30 -16.52
C HIS B 46 15.11 9.74 -16.26
N CYS B 47 15.59 10.32 -15.18
CA CYS B 47 15.33 11.72 -14.88
C CYS B 47 16.63 12.55 -14.98
N ARG C 1 17.79 -6.05 13.60
CA ARG C 1 17.01 -5.92 14.82
C ARG C 1 15.59 -5.55 14.47
N THR C 2 14.59 -6.20 15.10
CA THR C 2 13.18 -5.95 14.84
C THR C 2 12.53 -5.09 15.94
N CYS C 3 11.86 -4.02 15.54
CA CYS C 3 11.17 -3.11 16.44
C CYS C 3 9.65 -3.36 16.33
N GLU C 4 8.93 -3.19 17.45
CA GLU C 4 7.50 -3.45 17.49
C GLU C 4 6.74 -2.25 17.99
N SER C 5 5.49 -2.13 17.58
CA SER C 5 4.64 -1.06 18.04
C SER C 5 3.23 -1.58 18.04
N GLN C 6 2.48 -1.42 19.14
CA GLN C 6 1.09 -1.87 19.19
C GLN C 6 0.27 -1.17 18.11
N SER C 7 -0.44 -1.97 17.34
CA SER C 7 -1.28 -1.57 16.24
C SER C 7 -2.24 -0.49 16.66
N HIS C 8 -2.38 0.57 15.86
CA HIS C 8 -3.35 1.63 16.13
C HIS C 8 -4.70 1.31 15.47
N LYS C 9 -4.75 0.38 14.48
CA LYS C 9 -5.97 0.02 13.74
C LYS C 9 -6.64 -1.24 14.20
N PHE C 10 -5.86 -2.25 14.62
CA PHE C 10 -6.43 -3.56 14.96
C PHE C 10 -7.40 -3.50 16.15
N LYS C 11 -8.61 -4.04 15.96
CA LYS C 11 -9.59 -4.06 17.02
C LYS C 11 -9.79 -5.47 17.60
N GLY C 12 -10.06 -5.55 18.90
CA GLY C 12 -10.32 -6.83 19.56
C GLY C 12 -9.12 -7.72 19.73
N PRO C 13 -9.33 -8.97 20.20
CA PRO C 13 -8.20 -9.87 20.41
C PRO C 13 -7.57 -10.39 19.12
N CYS C 14 -6.25 -10.59 19.18
CA CYS C 14 -5.47 -11.10 18.07
C CYS C 14 -5.71 -12.58 17.95
N LEU C 15 -6.72 -12.95 17.15
CA LEU C 15 -7.11 -14.34 16.96
C LEU C 15 -6.12 -15.08 16.08
N ARG C 16 -5.67 -14.43 15.00
CA ARG C 16 -4.70 -15.02 14.07
C ARG C 16 -3.54 -14.05 13.84
N ALA C 17 -2.30 -14.55 13.93
CA ALA C 17 -1.11 -13.74 13.73
C ALA C 17 -1.07 -13.07 12.36
N SER C 18 -1.35 -13.85 11.29
CA SER C 18 -1.40 -13.38 9.90
C SER C 18 -2.39 -12.21 9.69
N ASN C 19 -3.48 -12.17 10.45
CA ASN C 19 -4.47 -11.09 10.35
C ASN C 19 -3.89 -9.78 10.85
N CYS C 20 -3.14 -9.87 11.96
CA CYS C 20 -2.47 -8.75 12.57
C CYS C 20 -1.44 -8.22 11.59
N ALA C 21 -0.61 -9.12 11.03
CA ALA C 21 0.44 -8.85 10.06
C ALA C 21 -0.11 -8.07 8.87
N ASN C 22 -1.31 -8.42 8.41
CA ASN C 22 -1.92 -7.75 7.27
C ASN C 22 -2.49 -6.41 7.64
N VAL C 23 -3.08 -6.29 8.82
CA VAL C 23 -3.56 -4.98 9.30
C VAL C 23 -2.38 -4.01 9.48
N CYS C 24 -1.21 -4.54 9.89
CA CYS C 24 -0.03 -3.76 10.11
C CYS C 24 0.62 -3.24 8.83
N LYS C 25 0.39 -3.92 7.67
CA LYS C 25 0.88 -3.47 6.38
C LYS C 25 0.17 -2.16 5.97
N THR C 26 -1.12 -2.01 6.34
CA THR C 26 -1.95 -0.81 6.11
C THR C 26 -1.44 0.38 6.95
N GLU C 27 -0.68 0.12 8.04
CA GLU C 27 -0.06 1.14 8.86
C GLU C 27 1.39 1.45 8.45
N GLY C 28 1.88 0.85 7.36
CA GLY C 28 3.23 1.05 6.85
C GLY C 28 4.27 0.15 7.48
N PHE C 29 3.83 -0.92 8.19
CA PHE C 29 4.77 -1.84 8.85
C PHE C 29 5.02 -3.09 7.99
N HIS C 30 6.06 -3.83 8.29
CA HIS C 30 6.45 -4.99 7.49
C HIS C 30 5.64 -6.23 7.80
N GLY C 31 5.40 -6.42 9.08
CA GLY C 31 4.65 -7.55 9.58
C GLY C 31 3.94 -7.19 10.86
N GLY C 32 3.59 -8.22 11.59
CA GLY C 32 2.89 -8.15 12.84
C GLY C 32 2.83 -9.51 13.52
N LYS C 33 2.63 -9.50 14.82
CA LYS C 33 2.54 -10.71 15.65
C LYS C 33 1.58 -10.50 16.79
N CYS C 34 0.87 -11.56 17.21
CA CYS C 34 0.01 -11.48 18.41
C CYS C 34 0.95 -11.60 19.61
N ARG C 35 0.67 -10.85 20.70
CA ARG C 35 1.54 -10.86 21.87
C ARG C 35 0.82 -10.70 23.23
N GLY C 36 1.32 -11.41 24.22
CA GLY C 36 0.83 -11.32 25.58
C GLY C 36 -0.45 -12.09 25.87
N PHE C 37 -0.79 -12.17 27.17
CA PHE C 37 -2.01 -12.85 27.65
C PHE C 37 -3.26 -12.13 27.16
N ARG C 38 -3.20 -10.78 27.03
CA ARG C 38 -4.32 -9.98 26.53
C ARG C 38 -4.52 -10.09 25.01
N ARG C 39 -3.60 -10.79 24.28
CA ARG C 39 -3.67 -11.03 22.84
C ARG C 39 -3.70 -9.75 22.01
N ARG C 40 -2.67 -8.94 22.14
CA ARG C 40 -2.57 -7.67 21.41
C ARG C 40 -1.88 -7.87 20.06
N CYS C 41 -2.21 -7.05 19.05
CA CYS C 41 -1.56 -7.11 17.75
C CYS C 41 -0.39 -6.12 17.76
N PHE C 42 0.82 -6.60 17.49
CA PHE C 42 2.00 -5.73 17.42
C PHE C 42 2.55 -5.68 16.02
N CYS C 43 2.71 -4.50 15.47
CA CYS C 43 3.29 -4.28 14.14
C CYS C 43 4.81 -4.30 14.23
N THR C 44 5.48 -5.00 13.30
CA THR C 44 6.93 -5.12 13.32
C THR C 44 7.57 -4.56 12.09
N LYS C 45 8.77 -4.03 12.27
CA LYS C 45 9.61 -3.52 11.19
C LYS C 45 11.06 -3.39 11.66
N HIS C 46 12.00 -3.27 10.72
CA HIS C 46 13.41 -3.11 11.07
C HIS C 46 13.64 -1.82 11.86
N CYS C 47 14.56 -1.86 12.83
CA CYS C 47 14.92 -0.68 13.64
C CYS C 47 15.84 0.20 12.82
N ARG D 1 -22.67 0.60 -7.35
CA ARG D 1 -22.96 -0.80 -6.98
C ARG D 1 -21.71 -1.40 -6.34
N THR D 2 -21.89 -2.14 -5.21
CA THR D 2 -20.79 -2.76 -4.49
C THR D 2 -20.67 -4.26 -4.77
N CYS D 3 -19.49 -4.73 -5.16
CA CYS D 3 -19.21 -6.13 -5.43
C CYS D 3 -18.40 -6.71 -4.25
N GLU D 4 -18.60 -8.00 -3.93
CA GLU D 4 -17.92 -8.68 -2.81
C GLU D 4 -17.20 -9.92 -3.27
N SER D 5 -16.13 -10.27 -2.57
CA SER D 5 -15.38 -11.47 -2.86
C SER D 5 -14.80 -11.95 -1.58
N GLN D 6 -14.98 -13.24 -1.25
CA GLN D 6 -14.39 -13.80 -0.03
C GLN D 6 -12.87 -13.60 -0.02
N SER D 7 -12.36 -13.04 1.07
CA SER D 7 -10.95 -12.77 1.30
C SER D 7 -10.12 -14.00 1.14
N HIS D 8 -9.02 -13.88 0.43
CA HIS D 8 -8.08 -14.99 0.27
C HIS D 8 -7.05 -15.02 1.43
N LYS D 9 -6.88 -13.91 2.17
CA LYS D 9 -5.86 -13.80 3.23
C LYS D 9 -6.41 -13.91 4.64
N PHE D 10 -7.64 -13.46 4.89
CA PHE D 10 -8.19 -13.47 6.25
C PHE D 10 -8.35 -14.87 6.83
N LYS D 11 -7.81 -15.08 8.02
CA LYS D 11 -7.89 -16.36 8.70
C LYS D 11 -8.79 -16.29 9.93
N GLY D 12 -9.45 -17.39 10.24
CA GLY D 12 -10.30 -17.49 11.42
C GLY D 12 -11.61 -16.73 11.29
N PRO D 13 -12.35 -16.60 12.40
CA PRO D 13 -13.62 -15.87 12.34
C PRO D 13 -13.44 -14.36 12.30
N CYS D 14 -14.34 -13.71 11.57
CA CYS D 14 -14.38 -12.28 11.42
C CYS D 14 -15.28 -11.76 12.50
N LEU D 15 -14.72 -11.13 13.54
CA LEU D 15 -15.53 -10.55 14.61
C LEU D 15 -15.64 -9.03 14.47
N ARG D 16 -14.56 -8.38 13.99
CA ARG D 16 -14.56 -6.92 13.79
C ARG D 16 -14.45 -6.63 12.30
N ALA D 17 -15.41 -5.87 11.72
CA ALA D 17 -15.44 -5.56 10.30
C ALA D 17 -14.24 -4.72 9.78
N SER D 18 -13.69 -3.77 10.58
CA SER D 18 -12.53 -2.99 10.14
C SER D 18 -11.26 -3.83 10.03
N ASN D 19 -11.18 -4.96 10.76
CA ASN D 19 -10.01 -5.85 10.58
C ASN D 19 -10.11 -6.50 9.17
N CYS D 20 -11.28 -7.06 8.83
CA CYS D 20 -11.54 -7.61 7.50
C CYS D 20 -11.26 -6.51 6.42
N ALA D 21 -11.80 -5.29 6.64
CA ALA D 21 -11.66 -4.15 5.76
C ALA D 21 -10.17 -3.76 5.56
N ASN D 22 -9.33 -3.91 6.59
CA ASN D 22 -7.90 -3.64 6.46
C ASN D 22 -7.18 -4.77 5.78
N VAL D 23 -7.45 -6.04 6.12
CA VAL D 23 -6.85 -7.19 5.42
C VAL D 23 -7.14 -7.09 3.91
N CYS D 24 -8.40 -6.76 3.57
CA CYS D 24 -8.84 -6.60 2.21
C CYS D 24 -8.15 -5.49 1.44
N LYS D 25 -7.66 -4.40 2.09
CA LYS D 25 -6.90 -3.34 1.37
C LYS D 25 -5.56 -3.90 0.82
N THR D 26 -4.94 -4.85 1.55
CA THR D 26 -3.72 -5.55 1.14
C THR D 26 -4.00 -6.48 -0.09
N GLU D 27 -5.26 -6.84 -0.35
CA GLU D 27 -5.67 -7.63 -1.50
C GLU D 27 -6.14 -6.75 -2.70
N GLY D 28 -6.03 -5.43 -2.58
CA GLY D 28 -6.41 -4.47 -3.60
C GLY D 28 -7.87 -4.05 -3.54
N PHE D 29 -8.58 -4.36 -2.46
CA PHE D 29 -10.00 -4.00 -2.32
C PHE D 29 -10.19 -2.70 -1.52
N HIS D 30 -11.39 -2.11 -1.57
CA HIS D 30 -11.66 -0.86 -0.86
C HIS D 30 -11.97 -1.08 0.62
N GLY D 31 -12.79 -2.08 0.87
CA GLY D 31 -13.27 -2.34 2.20
C GLY D 31 -13.53 -3.79 2.42
N GLY D 32 -14.32 -4.05 3.43
CA GLY D 32 -14.62 -5.39 3.82
C GLY D 32 -15.71 -5.46 4.86
N LYS D 33 -16.34 -6.61 4.97
CA LYS D 33 -17.43 -6.84 5.93
C LYS D 33 -17.46 -8.28 6.36
N CYS D 34 -17.81 -8.55 7.62
CA CYS D 34 -17.99 -9.91 8.12
C CYS D 34 -19.37 -10.37 7.63
N ARG D 35 -19.51 -11.64 7.21
CA ARG D 35 -20.78 -12.14 6.70
C ARG D 35 -21.11 -13.58 7.06
N GLY D 36 -22.39 -13.83 7.31
CA GLY D 36 -22.91 -15.17 7.59
C GLY D 36 -22.66 -15.72 8.98
N PHE D 37 -23.28 -16.89 9.30
CA PHE D 37 -23.08 -17.53 10.60
C PHE D 37 -21.64 -18.03 10.75
N ARG D 38 -21.01 -18.47 9.62
CA ARG D 38 -19.61 -18.90 9.66
C ARG D 38 -18.63 -17.75 9.94
N ARG D 39 -19.10 -16.49 9.92
CA ARG D 39 -18.33 -15.28 10.21
C ARG D 39 -17.15 -15.11 9.25
N ARG D 40 -17.41 -15.16 7.94
CA ARG D 40 -16.35 -15.05 6.93
C ARG D 40 -16.13 -13.61 6.47
N CYS D 41 -14.92 -13.28 6.09
CA CYS D 41 -14.54 -11.94 5.69
C CYS D 41 -14.74 -11.77 4.20
N PHE D 42 -15.55 -10.78 3.81
CA PHE D 42 -15.77 -10.47 2.41
C PHE D 42 -15.17 -9.11 2.05
N CYS D 43 -14.32 -9.06 1.03
CA CYS D 43 -13.72 -7.84 0.53
C CYS D 43 -14.70 -7.15 -0.41
N THR D 44 -14.82 -5.82 -0.29
CA THR D 44 -15.77 -5.06 -1.13
C THR D 44 -15.08 -3.99 -1.96
N LYS D 45 -15.63 -3.71 -3.13
CA LYS D 45 -15.16 -2.68 -4.04
C LYS D 45 -16.24 -2.38 -5.08
N HIS D 46 -16.13 -1.24 -5.77
CA HIS D 46 -17.09 -0.88 -6.81
C HIS D 46 -17.06 -1.87 -7.96
N CYS D 47 -18.24 -2.14 -8.55
CA CYS D 47 -18.35 -3.04 -9.68
C CYS D 47 -17.96 -2.28 -10.96
#